data_3U73
#
_entry.id   3U73
#
_cell.length_a   130.896
_cell.length_b   130.896
_cell.length_c   105.315
_cell.angle_alpha   90.00
_cell.angle_beta   90.00
_cell.angle_gamma   120.00
#
_symmetry.space_group_name_H-M   'P 31 2 1'
#
loop_
_entity.id
_entity.type
_entity.pdbx_description
1 polymer 'Urokinase plasminogen activator surface receptor'
2 polymer 'Urokinase-type plasminogen activator'
3 branched alpha-D-mannopyranose-(1-4)-2-acetamido-2-deoxy-beta-D-glucopyranose-(1-4)-2-acetamido-2-deoxy-beta-D-glucopyranose
4 branched 2-acetamido-2-deoxy-beta-D-glucopyranose-(1-4)-2-acetamido-2-deoxy-beta-D-glucopyranose
#
loop_
_entity_poly.entity_id
_entity_poly.type
_entity_poly.pdbx_seq_one_letter_code
_entity_poly.pdbx_strand_id
1 'polypeptide(L)'
;LRCMQCKTNGDCRVEECALGQDLCRTTIVRLWEEGEELELVEKSCTCSEKTNRTLSYRTGLKITSLTEVVCGLDLCNQGN
SGRAVTYSRSRYLECISCGSSDMSCERGRHQSLQCRSPEEQCLDVVTHWIQEGEEGRPKDDRHLRGCGYLPGCPGSNGFH
NNDTFHFLKCCNTTKCNEGPILELENLPQNGRQCYSCKGNSTHGCSSEETFLIDCRGPMNQCLVATGTHEPKNQSYMVRG
CATASMCQHAHLGDAFSMCHIDVSCCTKSGCNHPDLDVQYRSG
;
U
2 'polypeptide(L)'
;SNELHQVPSNCDCLNGGTCVSNKYFSNIHWCNCPKKFGGQHCEIDKSKTCYEGNGHFYRGKASTDTMGRPCLPWNSATVL
QQTYHAHRSDALQLGLGKHNYCRNPDNRRRPWCYVQVGLKPLVQECMVHDCA
;
A
#
loop_
_chem_comp.id
_chem_comp.type
_chem_comp.name
_chem_comp.formula
MAN D-saccharide, alpha linking alpha-D-mannopyranose 'C6 H12 O6'
NAG D-saccharide, beta linking 2-acetamido-2-deoxy-beta-D-glucopyranose 'C8 H15 N O6'
#
# COMPACT_ATOMS: atom_id res chain seq x y z
N LEU A 1 6.55 -20.03 -14.94
CA LEU A 1 6.00 -18.67 -15.08
C LEU A 1 7.08 -17.60 -15.03
N ARG A 2 6.87 -16.56 -15.81
CA ARG A 2 7.67 -15.37 -15.75
C ARG A 2 6.70 -14.20 -15.86
N CYS A 3 6.91 -13.21 -14.99
CA CYS A 3 6.06 -12.03 -14.97
C CYS A 3 6.86 -10.80 -15.24
N MET A 4 6.13 -9.72 -15.42
CA MET A 4 6.68 -8.43 -15.72
C MET A 4 6.95 -7.72 -14.42
N GLN A 5 8.21 -7.45 -14.12
CA GLN A 5 8.50 -6.78 -12.86
C GLN A 5 8.77 -5.30 -13.03
N CYS A 6 7.77 -4.47 -12.75
CA CYS A 6 7.92 -3.02 -12.98
C CYS A 6 8.04 -2.33 -11.67
N LYS A 7 9.09 -1.51 -11.56
CA LYS A 7 9.31 -0.74 -10.35
C LYS A 7 8.38 0.44 -10.48
N THR A 8 8.17 1.09 -9.36
CA THR A 8 7.28 2.24 -9.27
C THR A 8 7.68 3.40 -10.17
N ASN A 9 9.00 3.61 -10.35
CA ASN A 9 9.61 4.68 -11.19
C ASN A 9 9.34 4.57 -12.69
N GLY A 10 8.86 3.41 -13.12
CA GLY A 10 8.68 3.15 -14.53
C GLY A 10 9.53 1.99 -14.99
N ASP A 11 10.59 1.70 -14.26
CA ASP A 11 11.63 0.77 -14.72
C ASP A 11 11.13 -0.67 -14.76
N CYS A 12 11.06 -1.28 -15.94
CA CYS A 12 10.59 -2.69 -16.02
C CYS A 12 11.67 -3.73 -16.12
N ARG A 13 11.28 -4.97 -16.35
CA ARG A 13 12.20 -6.14 -16.26
C ARG A 13 11.30 -7.28 -16.67
N VAL A 14 11.88 -8.47 -16.88
CA VAL A 14 11.06 -9.67 -16.89
C VAL A 14 11.57 -10.66 -15.85
N GLU A 15 10.70 -10.99 -14.90
CA GLU A 15 11.08 -11.73 -13.73
C GLU A 15 10.79 -13.18 -13.98
N GLU A 16 11.76 -14.04 -13.72
CA GLU A 16 11.51 -15.47 -13.75
C GLU A 16 10.83 -15.80 -12.46
N CYS A 17 9.56 -16.20 -12.49
CA CYS A 17 8.81 -16.44 -11.26
C CYS A 17 9.35 -17.61 -10.49
N ALA A 18 9.81 -17.34 -9.28
CA ALA A 18 10.56 -18.33 -8.47
C ALA A 18 9.69 -19.47 -7.95
N LEU A 19 10.29 -20.34 -7.15
CA LEU A 19 9.65 -21.58 -6.71
C LEU A 19 8.29 -21.30 -6.02
N GLY A 20 7.20 -21.84 -6.58
CA GLY A 20 5.87 -21.58 -6.02
C GLY A 20 5.36 -20.14 -6.05
N GLN A 21 5.93 -19.32 -6.92
CA GLN A 21 5.43 -17.95 -7.14
C GLN A 21 4.09 -17.92 -7.87
N ASP A 22 4.08 -18.30 -9.13
CA ASP A 22 2.83 -18.67 -9.82
C ASP A 22 1.75 -17.60 -9.97
N LEU A 23 2.08 -16.33 -9.82
CA LEU A 23 1.09 -15.31 -10.20
C LEU A 23 1.64 -13.96 -10.62
N CYS A 24 1.00 -13.36 -11.62
CA CYS A 24 1.42 -12.06 -12.10
C CYS A 24 0.53 -11.05 -11.43
N ARG A 25 1.13 -9.97 -10.93
CA ARG A 25 0.33 -8.96 -10.25
C ARG A 25 0.56 -7.60 -10.79
N THR A 26 -0.47 -6.78 -10.73
CA THR A 26 -0.34 -5.37 -11.06
C THR A 26 -1.11 -4.62 -9.98
N THR A 27 -0.39 -3.79 -9.25
CA THR A 27 -0.99 -3.08 -8.14
C THR A 27 -0.97 -1.61 -8.45
N ILE A 28 -2.06 -0.93 -8.22
CA ILE A 28 -2.19 0.43 -8.69
C ILE A 28 -2.73 1.30 -7.58
N VAL A 29 -2.00 2.34 -7.27
CA VAL A 29 -2.46 3.31 -6.30
C VAL A 29 -2.74 4.60 -7.06
N ARG A 30 -3.94 5.11 -6.98
CA ARG A 30 -4.26 6.33 -7.65
C ARG A 30 -4.80 7.34 -6.64
N LEU A 31 -4.20 8.51 -6.59
CA LEU A 31 -4.59 9.52 -5.62
C LEU A 31 -5.20 10.69 -6.34
N TRP A 32 -6.29 11.26 -5.84
CA TRP A 32 -6.90 12.41 -6.50
C TRP A 32 -7.11 13.48 -5.50
N GLU A 33 -6.35 14.56 -5.62
CA GLU A 33 -6.54 15.74 -4.76
C GLU A 33 -7.53 16.61 -5.47
N GLU A 34 -7.70 17.84 -5.02
CA GLU A 34 -8.58 18.77 -5.72
C GLU A 34 -8.08 18.99 -7.13
N GLY A 35 -8.84 18.49 -8.11
CA GLY A 35 -8.45 18.53 -9.50
C GLY A 35 -7.10 17.91 -9.85
N GLU A 36 -6.41 17.36 -8.86
CA GLU A 36 -4.98 17.02 -8.98
C GLU A 36 -4.78 15.54 -8.69
N GLU A 37 -3.92 14.87 -9.43
CA GLU A 37 -3.82 13.43 -9.23
C GLU A 37 -2.49 12.82 -9.56
N LEU A 38 -2.21 11.68 -8.98
CA LEU A 38 -1.15 10.84 -9.54
C LEU A 38 -1.49 9.38 -9.36
N GLU A 39 -0.60 8.51 -9.82
CA GLU A 39 -0.85 7.13 -9.81
C GLU A 39 0.45 6.40 -9.76
N LEU A 40 0.55 5.34 -8.97
CA LEU A 40 1.79 4.56 -8.92
C LEU A 40 1.44 3.15 -9.36
N VAL A 41 2.37 2.46 -10.00
CA VAL A 41 2.13 1.06 -10.35
C VAL A 41 3.33 0.18 -10.08
N GLU A 42 3.15 -0.91 -9.36
CA GLU A 42 4.18 -1.93 -9.27
C GLU A 42 3.68 -3.16 -9.99
N LYS A 43 4.58 -4.09 -10.31
CA LYS A 43 4.21 -5.32 -10.97
C LYS A 43 5.23 -6.33 -10.56
N SER A 44 4.82 -7.57 -10.48
CA SER A 44 5.71 -8.63 -10.03
C SER A 44 5.07 -10.00 -10.03
N CYS A 45 5.94 -11.00 -10.06
CA CYS A 45 5.57 -12.35 -9.70
C CYS A 45 5.15 -12.23 -8.27
N THR A 46 3.93 -12.66 -7.96
CA THR A 46 3.41 -12.63 -6.61
C THR A 46 3.02 -14.02 -6.14
N CYS A 47 2.67 -14.13 -4.86
CA CYS A 47 2.13 -15.35 -4.24
C CYS A 47 0.82 -15.77 -4.89
N SER A 48 0.65 -17.07 -5.05
CA SER A 48 -0.66 -17.58 -5.50
C SER A 48 -1.60 -17.36 -4.34
N GLU A 49 -2.91 -17.47 -4.56
CA GLU A 49 -3.93 -17.18 -3.51
C GLU A 49 -4.22 -15.71 -3.47
N LYS A 50 -3.61 -14.91 -4.31
CA LYS A 50 -3.97 -13.52 -4.31
C LYS A 50 -5.23 -13.37 -5.11
N THR A 51 -5.64 -12.16 -5.42
CA THR A 51 -6.81 -12.01 -6.24
C THR A 51 -7.19 -10.59 -6.48
N ASN A 52 -7.95 -10.38 -7.53
CA ASN A 52 -8.27 -9.05 -7.96
C ASN A 52 -8.99 -8.36 -6.82
N ARG A 53 -8.93 -7.03 -6.72
CA ARG A 53 -9.52 -6.31 -5.59
C ARG A 53 -9.53 -4.79 -5.72
N THR A 54 -10.09 -4.08 -4.75
CA THR A 54 -10.14 -2.64 -4.85
C THR A 54 -10.41 -2.05 -3.51
N LEU A 55 -9.88 -0.87 -3.26
CA LEU A 55 -10.22 -0.14 -2.07
C LEU A 55 -10.21 1.35 -2.40
N SER A 56 -11.11 2.13 -1.81
CA SER A 56 -11.16 3.55 -2.12
C SER A 56 -11.68 4.30 -0.94
N TYR A 57 -11.06 5.41 -0.59
CA TYR A 57 -11.54 6.18 0.54
C TYR A 57 -11.24 7.65 0.60
N ARG A 58 -12.21 8.44 1.02
CA ARG A 58 -11.98 9.85 1.29
C ARG A 58 -11.17 10.06 2.54
N THR A 59 -10.13 10.84 2.44
CA THR A 59 -9.46 11.33 3.61
C THR A 59 -9.21 12.81 3.37
N GLY A 60 -9.92 13.69 4.07
CA GLY A 60 -9.98 15.11 3.69
C GLY A 60 -10.73 15.27 2.38
N LEU A 61 -10.11 15.96 1.42
CA LEU A 61 -10.64 16.02 0.05
C LEU A 61 -9.86 15.10 -0.84
N LYS A 62 -8.83 14.48 -0.28
CA LYS A 62 -8.06 13.48 -1.03
C LYS A 62 -8.91 12.22 -1.18
N ILE A 63 -8.77 11.52 -2.30
CA ILE A 63 -9.47 10.24 -2.47
C ILE A 63 -8.54 9.17 -2.96
N THR A 64 -8.24 8.21 -2.12
CA THR A 64 -7.27 7.19 -2.48
C THR A 64 -7.93 6.02 -3.12
N SER A 65 -7.32 5.45 -4.14
CA SER A 65 -7.91 4.27 -4.77
C SER A 65 -6.90 3.23 -5.00
N LEU A 66 -7.07 2.14 -4.31
CA LEU A 66 -6.20 1.02 -4.50
C LEU A 66 -6.86 0.08 -5.47
N THR A 67 -6.05 -0.61 -6.25
CA THR A 67 -6.52 -1.77 -6.93
C THR A 67 -5.35 -2.67 -7.19
N GLU A 68 -5.57 -3.98 -7.11
CA GLU A 68 -4.57 -4.93 -7.52
C GLU A 68 -5.25 -6.01 -8.33
N VAL A 69 -4.59 -6.52 -9.37
CA VAL A 69 -5.20 -7.53 -10.25
C VAL A 69 -4.20 -8.60 -10.65
N VAL A 70 -4.71 -9.84 -10.72
CA VAL A 70 -3.84 -10.98 -10.96
C VAL A 70 -4.29 -11.84 -12.13
N CYS A 71 -3.35 -12.56 -12.74
CA CYS A 71 -3.65 -13.38 -13.89
C CYS A 71 -2.71 -14.56 -13.96
N GLY A 72 -3.18 -15.63 -14.63
CA GLY A 72 -2.54 -16.94 -14.57
C GLY A 72 -1.21 -17.04 -15.29
N LEU A 73 -1.26 -16.77 -16.59
CA LEU A 73 -0.22 -17.12 -17.57
C LEU A 73 0.91 -16.10 -17.72
N ASP A 74 1.86 -16.42 -18.61
CA ASP A 74 3.09 -15.61 -18.76
C ASP A 74 2.82 -14.20 -19.23
N LEU A 75 3.57 -13.25 -18.64
CA LEU A 75 3.52 -11.83 -19.03
C LEU A 75 2.11 -11.27 -19.21
N CYS A 76 1.16 -11.73 -18.42
CA CYS A 76 -0.20 -11.24 -18.59
C CYS A 76 -0.33 -9.86 -17.94
N ASN A 77 0.54 -9.56 -16.97
CA ASN A 77 0.57 -8.26 -16.29
C ASN A 77 1.21 -7.16 -17.15
N GLN A 78 1.62 -7.53 -18.36
CA GLN A 78 2.43 -6.70 -19.23
C GLN A 78 1.74 -5.50 -19.87
N GLY A 79 0.50 -5.65 -20.31
CA GLY A 79 -0.15 -4.61 -21.12
C GLY A 79 -0.69 -3.42 -20.32
N ASN A 80 -1.95 -3.04 -20.58
CA ASN A 80 -2.64 -2.05 -19.75
C ASN A 80 -3.74 -2.68 -18.85
N TYR A 92 -22.83 2.17 -8.83
CA TYR A 92 -23.84 2.97 -8.17
C TYR A 92 -24.30 2.39 -6.79
N LEU A 93 -23.50 2.61 -5.75
CA LEU A 93 -23.76 2.13 -4.39
C LEU A 93 -23.12 3.13 -3.43
N GLU A 94 -23.76 3.44 -2.32
CA GLU A 94 -23.16 4.44 -1.43
C GLU A 94 -22.53 3.82 -0.17
N CYS A 95 -21.40 4.35 0.26
CA CYS A 95 -20.70 3.85 1.47
C CYS A 95 -20.18 5.02 2.30
N ILE A 96 -19.90 4.76 3.58
CA ILE A 96 -19.26 5.78 4.42
C ILE A 96 -17.76 5.77 4.15
N SER A 97 -17.08 6.91 4.27
CA SER A 97 -15.63 6.92 4.11
C SER A 97 -14.79 7.75 5.06
N CYS A 98 -13.65 7.20 5.46
CA CYS A 98 -12.72 7.87 6.37
C CYS A 98 -11.45 7.02 6.61
N GLY A 99 -10.44 7.66 7.20
CA GLY A 99 -9.15 7.03 7.45
C GLY A 99 -8.48 7.59 8.69
N SER A 100 -7.35 7.01 9.08
CA SER A 100 -6.63 7.52 10.21
C SER A 100 -5.50 8.46 9.84
N SER A 101 -5.31 8.66 8.54
CA SER A 101 -4.33 9.62 8.05
C SER A 101 -4.69 10.94 8.66
N ASP A 102 -5.90 11.41 8.34
CA ASP A 102 -6.37 12.69 8.81
C ASP A 102 -7.22 12.53 10.06
N MET A 103 -7.22 11.35 10.66
CA MET A 103 -8.02 11.08 11.88
C MET A 103 -9.48 11.38 11.66
N SER A 104 -9.95 11.40 10.43
CA SER A 104 -11.36 11.56 10.17
C SER A 104 -12.17 10.40 10.78
N CYS A 105 -11.54 9.25 10.96
CA CYS A 105 -12.26 8.14 11.53
C CYS A 105 -12.45 8.27 13.01
N GLU A 106 -11.37 8.52 13.75
CA GLU A 106 -11.43 8.64 15.20
C GLU A 106 -12.09 9.91 15.65
N ARG A 107 -12.09 10.93 14.81
CA ARG A 107 -12.67 12.21 15.15
C ARG A 107 -14.03 12.37 14.52
N GLY A 108 -14.62 11.27 14.05
CA GLY A 108 -16.02 11.27 13.58
C GLY A 108 -16.34 12.23 12.44
N ARG A 109 -15.40 12.35 11.50
CA ARG A 109 -15.54 13.25 10.36
C ARG A 109 -16.08 12.48 9.15
N HIS A 110 -16.81 11.39 9.39
CA HIS A 110 -17.23 10.48 8.33
C HIS A 110 -17.87 11.16 7.14
N GLN A 111 -17.44 10.78 5.94
CA GLN A 111 -17.95 11.36 4.70
C GLN A 111 -18.61 10.30 3.84
N SER A 112 -19.45 10.75 2.92
CA SER A 112 -20.13 9.85 2.02
C SER A 112 -19.21 9.51 0.87
N LEU A 113 -19.29 8.29 0.38
CA LEU A 113 -18.51 7.90 -0.79
C LEU A 113 -19.31 7.04 -1.71
N GLN A 114 -19.73 7.60 -2.84
CA GLN A 114 -20.46 6.82 -3.84
C GLN A 114 -19.54 5.85 -4.54
N CYS A 115 -19.87 4.57 -4.53
CA CYS A 115 -19.03 3.57 -5.19
C CYS A 115 -19.24 3.67 -6.65
N ARG A 116 -18.16 3.61 -7.41
CA ARG A 116 -18.25 3.64 -8.86
C ARG A 116 -17.89 2.27 -9.44
N SER A 117 -18.89 1.40 -9.46
CA SER A 117 -18.81 0.03 -9.95
C SER A 117 -20.10 -0.65 -9.54
N PRO A 118 -20.47 -1.75 -10.22
CA PRO A 118 -21.52 -2.57 -9.66
C PRO A 118 -21.05 -3.34 -8.42
N GLU A 119 -19.86 -3.94 -8.50
CA GLU A 119 -19.50 -5.03 -7.57
C GLU A 119 -18.92 -4.57 -6.23
N GLU A 120 -18.57 -3.29 -6.13
CA GLU A 120 -17.91 -2.87 -4.91
C GLU A 120 -18.87 -2.31 -3.87
N GLN A 121 -18.74 -2.85 -2.66
CA GLN A 121 -19.65 -2.59 -1.54
C GLN A 121 -19.01 -1.87 -0.37
N CYS A 122 -19.81 -1.52 0.64
CA CYS A 122 -19.28 -0.83 1.81
C CYS A 122 -18.25 -1.65 2.62
N LEU A 123 -17.25 -0.96 3.17
CA LEU A 123 -16.16 -1.62 3.85
C LEU A 123 -15.72 -0.86 5.07
N ASP A 124 -15.23 -1.61 6.05
CA ASP A 124 -14.66 -1.07 7.25
C ASP A 124 -13.53 -2.00 7.48
N VAL A 125 -12.32 -1.44 7.61
CA VAL A 125 -11.15 -2.28 7.91
C VAL A 125 -10.35 -1.78 9.08
N VAL A 126 -9.94 -2.73 9.93
CA VAL A 126 -9.17 -2.41 11.11
C VAL A 126 -7.87 -3.15 11.05
N THR A 127 -6.76 -2.41 10.96
CA THR A 127 -5.44 -3.02 11.08
C THR A 127 -4.81 -2.47 12.33
N HIS A 128 -4.57 -3.30 13.32
CA HIS A 128 -4.08 -2.75 14.55
C HIS A 128 -2.96 -3.58 15.07
N TRP A 129 -1.77 -2.99 15.10
CA TRP A 129 -0.54 -3.64 15.62
C TRP A 129 -0.18 -3.03 16.90
N ILE A 130 0.39 -3.80 17.82
CA ILE A 130 0.65 -3.23 19.17
C ILE A 130 2.12 -2.85 19.32
N GLN A 131 2.97 -3.85 19.50
CA GLN A 131 4.43 -3.68 19.35
C GLN A 131 5.02 -2.45 20.08
N GLU A 132 6.11 -1.93 19.53
CA GLU A 132 6.71 -0.68 19.97
C GLU A 132 7.45 0.03 18.84
N GLY A 133 7.17 1.32 18.75
CA GLY A 133 8.00 2.27 18.04
C GLY A 133 8.46 1.94 16.64
N GLU A 134 9.77 1.80 16.52
CA GLU A 134 10.49 1.69 15.27
C GLU A 134 10.23 0.37 14.58
N GLU A 135 11.11 0.07 13.61
CA GLU A 135 11.00 -1.02 12.65
C GLU A 135 10.11 -2.16 13.09
N GLY A 136 9.02 -2.31 12.34
CA GLY A 136 7.85 -3.07 12.70
C GLY A 136 6.66 -2.18 12.39
N ARG A 137 5.50 -2.52 12.94
CA ARG A 137 4.25 -1.77 12.75
C ARG A 137 4.11 -1.10 11.40
N PRO A 138 3.74 -1.91 10.39
CA PRO A 138 3.62 -1.47 9.00
C PRO A 138 2.83 -0.17 8.92
N LYS A 139 3.03 0.56 7.84
CA LYS A 139 2.47 1.86 7.73
C LYS A 139 0.95 1.85 7.48
N ASP A 140 0.31 0.71 7.69
CA ASP A 140 -1.12 0.57 7.53
C ASP A 140 -1.96 1.59 8.25
N ASP A 141 -2.91 2.16 7.54
CA ASP A 141 -3.69 3.28 8.05
C ASP A 141 -4.40 2.96 9.34
N ARG A 142 -4.74 1.69 9.53
CA ARG A 142 -5.30 1.22 10.81
C ARG A 142 -6.74 1.56 11.15
N HIS A 143 -7.32 2.55 10.53
CA HIS A 143 -8.76 2.63 10.38
C HIS A 143 -9.14 3.13 9.02
N LEU A 144 -9.94 2.38 8.29
CA LEU A 144 -10.29 2.70 6.94
C LEU A 144 -11.72 2.34 6.62
N ARG A 145 -12.41 3.25 5.96
CA ARG A 145 -13.76 2.97 5.55
C ARG A 145 -14.03 3.53 4.18
N GLY A 146 -14.68 2.73 3.34
CA GLY A 146 -15.07 3.19 1.99
C GLY A 146 -15.45 2.04 1.09
N CYS A 147 -15.64 2.34 -0.21
CA CYS A 147 -16.05 1.37 -1.24
C CYS A 147 -14.95 0.38 -1.56
N GLY A 148 -15.30 -0.84 -1.99
CA GLY A 148 -14.26 -1.79 -2.38
C GLY A 148 -14.70 -3.22 -2.47
N TYR A 149 -13.79 -4.09 -2.90
CA TYR A 149 -14.07 -5.53 -2.89
C TYR A 149 -12.80 -6.23 -2.48
N LEU A 150 -12.90 -7.13 -1.49
CA LEU A 150 -11.71 -7.77 -0.91
C LEU A 150 -11.92 -9.26 -0.64
N PRO A 151 -10.84 -10.00 -0.30
CA PRO A 151 -10.97 -11.43 -0.09
C PRO A 151 -12.15 -11.94 0.74
N GLY A 152 -12.88 -12.83 0.09
CA GLY A 152 -13.91 -13.64 0.73
C GLY A 152 -15.20 -12.87 0.66
N CYS A 153 -15.12 -11.61 1.14
CA CYS A 153 -16.20 -10.65 1.05
C CYS A 153 -17.60 -11.13 1.44
N PRO A 154 -18.68 -10.39 1.03
CA PRO A 154 -19.62 -9.79 2.04
C PRO A 154 -19.71 -10.63 3.28
N GLY A 155 -19.49 -10.02 4.42
CA GLY A 155 -19.13 -10.77 5.56
C GLY A 155 -18.25 -9.96 6.45
N SER A 156 -17.81 -10.60 7.52
CA SER A 156 -16.91 -10.00 8.44
C SER A 156 -15.94 -11.08 8.71
N ASN A 157 -14.72 -10.68 8.97
CA ASN A 157 -13.87 -11.55 9.73
C ASN A 157 -12.82 -10.77 10.44
N GLY A 158 -12.28 -11.41 11.46
CA GLY A 158 -11.29 -10.82 12.29
C GLY A 158 -10.32 -11.81 12.87
N PHE A 159 -9.21 -11.29 13.37
CA PHE A 159 -8.30 -12.05 14.19
C PHE A 159 -7.78 -11.07 15.23
N HIS A 160 -7.44 -11.57 16.41
CA HIS A 160 -6.56 -10.86 17.30
C HIS A 160 -5.73 -11.83 18.02
N ASN A 161 -4.64 -11.32 18.54
CA ASN A 161 -3.82 -12.06 19.45
C ASN A 161 -3.10 -11.04 20.29
N ASN A 162 -2.13 -11.46 21.06
CA ASN A 162 -1.59 -10.56 22.07
C ASN A 162 -1.14 -9.25 21.52
N ASP A 163 -1.04 -9.14 20.21
CA ASP A 163 -0.46 -7.98 19.61
C ASP A 163 -0.87 -7.84 18.18
N THR A 164 -2.17 -7.78 17.96
CA THR A 164 -2.70 -7.45 16.65
C THR A 164 -4.18 -7.61 16.74
N PHE A 165 -4.87 -6.82 15.96
CA PHE A 165 -6.24 -7.01 15.80
C PHE A 165 -6.47 -6.66 14.35
N HIS A 166 -7.00 -7.61 13.58
CA HIS A 166 -7.38 -7.32 12.23
C HIS A 166 -8.86 -7.51 12.10
N PHE A 167 -9.53 -6.61 11.40
CA PHE A 167 -10.95 -6.83 11.16
C PHE A 167 -11.45 -6.21 9.85
N LEU A 168 -12.34 -6.93 9.17
CA LEU A 168 -12.89 -6.46 7.93
C LEU A 168 -14.40 -6.63 7.98
N LYS A 169 -15.14 -5.61 7.56
CA LYS A 169 -16.56 -5.77 7.41
C LYS A 169 -17.02 -5.39 6.00
N CYS A 170 -17.52 -6.37 5.26
CA CYS A 170 -17.86 -6.27 3.86
C CYS A 170 -19.40 -6.41 3.71
N CYS A 171 -20.09 -5.40 3.18
CA CYS A 171 -21.55 -5.53 2.99
C CYS A 171 -22.14 -4.58 1.95
N ASN A 172 -23.31 -4.93 1.38
CA ASN A 172 -24.00 -4.00 0.46
C ASN A 172 -25.36 -3.50 0.84
N THR A 173 -25.43 -2.34 1.46
CA THR A 173 -26.66 -1.58 1.62
C THR A 173 -26.13 -0.19 1.82
N THR A 174 -26.91 0.81 1.47
CA THR A 174 -26.53 2.21 1.71
C THR A 174 -25.96 2.45 3.09
N LYS A 175 -24.77 3.04 3.11
CA LYS A 175 -24.04 3.32 4.34
C LYS A 175 -24.03 2.14 5.33
N CYS A 176 -24.06 0.91 4.78
CA CYS A 176 -24.06 -0.29 5.61
C CYS A 176 -22.83 -0.38 6.52
N ASN A 177 -21.80 0.41 6.25
CA ASN A 177 -20.56 0.38 7.03
C ASN A 177 -20.48 1.49 8.06
N GLU A 178 -21.59 2.14 8.35
CA GLU A 178 -21.54 3.19 9.35
C GLU A 178 -21.43 2.62 10.75
N GLY A 179 -21.44 3.49 11.74
CA GLY A 179 -21.22 3.03 13.11
C GLY A 179 -20.02 3.69 13.71
N PRO A 180 -19.73 3.37 14.97
CA PRO A 180 -18.56 3.86 15.68
C PRO A 180 -17.31 3.04 15.37
N ILE A 181 -16.17 3.67 15.64
CA ILE A 181 -14.84 3.11 15.35
C ILE A 181 -14.74 1.88 16.15
N LEU A 182 -14.23 0.85 15.53
CA LEU A 182 -14.26 -0.43 16.17
C LEU A 182 -12.97 -0.80 16.89
N GLU A 183 -12.93 -0.66 18.20
CA GLU A 183 -11.70 -0.90 18.99
C GLU A 183 -11.77 -2.24 19.74
N LEU A 184 -10.65 -2.87 20.04
CA LEU A 184 -10.73 -4.26 20.50
C LEU A 184 -11.28 -4.38 21.90
N GLU A 185 -10.81 -3.51 22.80
CA GLU A 185 -11.27 -3.59 24.17
C GLU A 185 -12.73 -3.14 24.27
N ASN A 186 -13.35 -2.75 23.19
CA ASN A 186 -14.79 -2.52 23.16
C ASN A 186 -15.60 -3.78 22.87
N LEU A 187 -14.91 -4.91 22.81
CA LEU A 187 -15.58 -6.14 22.41
C LEU A 187 -15.43 -7.11 23.55
N PRO A 188 -16.56 -7.54 24.09
CA PRO A 188 -16.75 -8.34 25.27
C PRO A 188 -16.09 -9.71 25.17
N GLN A 189 -15.49 -10.25 26.26
CA GLN A 189 -14.91 -11.62 26.17
C GLN A 189 -15.95 -12.61 25.79
N ASN A 190 -15.57 -13.55 24.95
CA ASN A 190 -16.56 -14.47 24.49
C ASN A 190 -16.43 -15.73 25.24
N GLY A 191 -15.41 -15.89 26.06
CA GLY A 191 -15.43 -17.11 26.86
C GLY A 191 -14.38 -18.10 26.41
N ARG A 192 -14.04 -18.10 25.13
CA ARG A 192 -12.98 -18.97 24.64
C ARG A 192 -11.59 -18.37 24.99
N GLN A 193 -10.60 -19.22 25.25
CA GLN A 193 -9.23 -18.75 25.48
C GLN A 193 -8.25 -19.58 24.64
N CYS A 194 -7.38 -18.92 23.88
CA CYS A 194 -6.52 -19.62 22.91
C CYS A 194 -5.11 -19.15 23.00
N TYR A 195 -4.16 -19.99 22.60
CA TYR A 195 -2.77 -19.61 22.63
C TYR A 195 -2.46 -18.48 21.68
N SER A 196 -1.55 -17.60 22.09
CA SER A 196 -1.18 -16.52 21.24
C SER A 196 0.32 -16.54 21.01
N CYS A 197 0.74 -16.26 19.79
CA CYS A 197 2.14 -16.18 19.49
C CYS A 197 2.23 -15.85 18.04
N LYS A 198 3.43 -15.58 17.56
CA LYS A 198 3.57 -15.17 16.19
C LYS A 198 5.00 -14.92 15.82
N GLY A 199 5.56 -15.82 15.04
CA GLY A 199 6.94 -15.71 14.62
C GLY A 199 7.37 -17.08 14.15
N ASN A 200 8.51 -17.55 14.62
CA ASN A 200 8.95 -18.89 14.28
C ASN A 200 9.36 -19.66 15.51
N SER A 201 9.30 -20.97 15.40
CA SER A 201 9.58 -21.82 16.53
C SER A 201 10.79 -21.37 17.28
N THR A 202 11.55 -20.46 16.71
CA THR A 202 12.73 -19.99 17.40
C THR A 202 12.35 -18.73 18.10
N HIS A 203 11.65 -17.87 17.37
CA HIS A 203 11.29 -16.58 17.88
C HIS A 203 9.92 -16.21 17.49
N GLY A 204 9.18 -15.70 18.45
CA GLY A 204 7.82 -15.28 18.21
C GLY A 204 6.86 -16.36 18.63
N CYS A 205 7.29 -17.61 18.52
CA CYS A 205 6.41 -18.69 18.86
C CYS A 205 7.13 -19.84 19.48
N SER A 206 8.26 -19.55 20.07
CA SER A 206 8.86 -20.57 20.92
C SER A 206 7.92 -20.89 22.04
N SER A 207 8.15 -22.05 22.64
CA SER A 207 7.34 -22.55 23.73
C SER A 207 7.03 -21.50 24.79
N GLU A 208 8.00 -20.65 25.10
CA GLU A 208 7.84 -19.74 26.23
C GLU A 208 7.28 -18.40 25.84
N GLU A 209 7.23 -18.12 24.55
CA GLU A 209 6.53 -16.93 24.12
C GLU A 209 5.06 -17.21 23.80
N THR A 210 4.70 -18.49 23.67
CA THR A 210 3.33 -18.80 23.33
C THR A 210 2.50 -19.14 24.57
N PHE A 211 1.38 -18.45 24.70
CA PHE A 211 0.63 -18.45 25.93
C PHE A 211 -0.86 -18.16 25.71
N LEU A 212 -1.67 -18.45 26.74
CA LEU A 212 -3.13 -18.38 26.65
C LEU A 212 -3.68 -16.95 26.72
N ILE A 213 -4.76 -16.64 26.03
CA ILE A 213 -5.33 -15.30 26.03
C ILE A 213 -6.85 -15.30 25.84
N ASP A 214 -7.47 -14.16 26.10
CA ASP A 214 -8.92 -14.11 26.20
C ASP A 214 -9.53 -13.63 24.93
N CYS A 215 -10.15 -14.55 24.18
CA CYS A 215 -10.79 -14.18 22.91
C CYS A 215 -11.94 -13.27 23.16
N ARG A 216 -12.10 -12.25 22.31
CA ARG A 216 -13.14 -11.25 22.47
C ARG A 216 -14.02 -11.23 21.26
N GLY A 217 -15.20 -10.62 21.37
CA GLY A 217 -16.10 -10.46 20.22
C GLY A 217 -16.28 -11.77 19.45
N PRO A 218 -16.56 -11.66 18.14
CA PRO A 218 -16.87 -12.73 17.24
C PRO A 218 -15.75 -13.68 17.07
N MET A 219 -14.57 -13.40 17.57
CA MET A 219 -13.50 -14.34 17.32
C MET A 219 -13.50 -15.42 18.38
N ASN A 220 -14.20 -16.53 18.11
CA ASN A 220 -14.27 -17.66 19.00
C ASN A 220 -13.50 -18.86 18.58
N GLN A 221 -12.72 -18.84 17.52
CA GLN A 221 -11.97 -20.08 17.24
C GLN A 221 -10.51 -19.93 17.51
N CYS A 222 -9.92 -20.97 18.06
CA CYS A 222 -8.51 -20.93 18.29
C CYS A 222 -7.84 -21.24 16.98
N LEU A 223 -6.92 -20.36 16.59
CA LEU A 223 -6.31 -20.47 15.29
C LEU A 223 -4.82 -20.83 15.39
N VAL A 224 -4.36 -21.63 14.44
CA VAL A 224 -2.94 -21.84 14.19
C VAL A 224 -2.76 -21.70 12.73
N ALA A 225 -1.93 -20.76 12.28
CA ALA A 225 -1.60 -20.72 10.87
C ALA A 225 -0.12 -20.85 10.70
N THR A 226 0.26 -21.69 9.75
CA THR A 226 1.63 -21.76 9.33
C THR A 226 1.67 -21.39 7.88
N GLY A 227 2.65 -20.60 7.49
CA GLY A 227 2.87 -20.28 6.08
C GLY A 227 4.30 -19.78 5.89
N THR A 228 4.56 -19.14 4.76
CA THR A 228 5.84 -18.46 4.58
C THR A 228 5.68 -16.95 4.71
N HIS A 229 6.73 -16.28 5.17
CA HIS A 229 6.60 -14.84 5.40
C HIS A 229 7.01 -13.94 4.27
N GLU A 230 6.47 -14.21 3.09
CA GLU A 230 6.97 -13.71 1.79
C GLU A 230 7.74 -12.36 1.75
N PRO A 231 7.35 -11.36 2.58
CA PRO A 231 8.40 -10.37 2.82
C PRO A 231 9.63 -11.02 3.50
N LYS A 232 10.42 -11.71 2.68
CA LYS A 232 11.64 -12.46 3.07
C LYS A 232 11.48 -13.65 4.02
N ASN A 233 10.79 -14.66 3.49
CA ASN A 233 10.85 -16.05 3.95
C ASN A 233 10.57 -16.48 5.38
N GLN A 234 11.54 -17.22 5.95
CA GLN A 234 11.55 -17.61 7.35
C GLN A 234 10.38 -18.51 7.86
N SER A 235 9.37 -18.73 7.01
CA SER A 235 8.27 -19.63 7.35
C SER A 235 7.59 -19.28 8.69
N TYR A 236 6.73 -18.28 8.64
CA TYR A 236 5.99 -17.77 9.79
C TYR A 236 5.02 -18.77 10.45
N MET A 237 4.72 -18.48 11.71
CA MET A 237 3.60 -19.11 12.46
C MET A 237 2.79 -18.05 13.19
N VAL A 238 1.51 -18.32 13.37
CA VAL A 238 0.61 -17.37 13.99
C VAL A 238 -0.41 -18.18 14.75
N ARG A 239 -0.59 -17.88 16.06
CA ARG A 239 -1.68 -18.43 16.87
C ARG A 239 -2.57 -17.33 17.44
N GLY A 240 -3.87 -17.56 17.52
CA GLY A 240 -4.75 -16.51 18.06
C GLY A 240 -6.22 -16.78 18.04
N CYS A 241 -7.02 -15.73 18.15
CA CYS A 241 -8.46 -15.87 18.21
C CYS A 241 -9.01 -15.44 16.87
N ALA A 242 -9.61 -16.36 16.14
CA ALA A 242 -10.09 -16.04 14.80
C ALA A 242 -11.62 -16.12 14.76
N THR A 243 -12.25 -15.38 13.85
CA THR A 243 -13.62 -15.64 13.53
C THR A 243 -13.71 -16.91 12.67
N ALA A 244 -14.92 -17.42 12.55
CA ALA A 244 -15.28 -18.49 11.65
C ALA A 244 -14.67 -18.23 10.28
N SER A 245 -15.03 -17.10 9.68
CA SER A 245 -14.60 -16.67 8.33
C SER A 245 -13.13 -16.73 8.13
N MET A 246 -12.36 -15.99 8.93
CA MET A 246 -10.94 -16.00 8.76
C MET A 246 -10.30 -17.37 8.73
N CYS A 247 -11.01 -18.35 9.21
CA CYS A 247 -10.45 -19.68 9.29
C CYS A 247 -10.42 -20.31 7.92
N GLN A 248 -10.94 -19.61 6.90
CA GLN A 248 -11.01 -20.18 5.55
C GLN A 248 -10.44 -19.28 4.50
N HIS A 249 -10.34 -19.84 3.30
CA HIS A 249 -9.97 -19.15 2.09
C HIS A 249 -8.75 -18.30 2.24
N ALA A 250 -7.85 -18.71 3.12
CA ALA A 250 -6.63 -17.94 3.36
C ALA A 250 -6.86 -16.41 3.44
N HIS A 251 -7.78 -15.95 4.29
CA HIS A 251 -7.98 -14.51 4.42
C HIS A 251 -6.93 -14.00 5.34
N LEU A 252 -6.39 -14.92 6.11
CA LEU A 252 -5.45 -14.58 7.14
C LEU A 252 -4.14 -14.11 6.55
N GLY A 253 -3.80 -14.63 5.37
CA GLY A 253 -2.56 -14.31 4.73
C GLY A 253 -2.46 -12.82 4.56
N ASP A 254 -3.55 -12.18 4.17
CA ASP A 254 -3.53 -10.78 3.83
C ASP A 254 -3.16 -9.95 5.04
N ALA A 255 -3.65 -10.34 6.20
CA ALA A 255 -3.32 -9.63 7.43
C ALA A 255 -1.85 -9.69 7.74
N PHE A 256 -1.31 -10.89 7.71
CA PHE A 256 0.07 -11.13 8.03
C PHE A 256 0.99 -11.20 6.83
N SER A 257 0.47 -10.91 5.63
CA SER A 257 1.26 -10.94 4.39
C SER A 257 2.00 -12.27 4.35
N MET A 258 1.22 -13.34 4.20
CA MET A 258 1.79 -14.65 4.25
C MET A 258 1.38 -15.38 3.00
N CYS A 259 2.16 -16.41 2.71
CA CYS A 259 1.97 -17.14 1.51
C CYS A 259 1.85 -18.62 1.85
N HIS A 260 0.84 -19.26 1.24
CA HIS A 260 0.72 -20.71 1.28
C HIS A 260 0.48 -21.18 2.67
N ILE A 261 -0.61 -20.69 3.22
CA ILE A 261 -0.93 -20.92 4.61
C ILE A 261 -1.81 -22.12 4.78
N ASP A 262 -1.45 -22.94 5.76
CA ASP A 262 -2.32 -23.97 6.28
C ASP A 262 -2.87 -23.41 7.58
N VAL A 263 -4.17 -23.17 7.66
CA VAL A 263 -4.75 -22.77 8.96
C VAL A 263 -5.64 -23.82 9.56
N SER A 264 -5.66 -23.89 10.88
CA SER A 264 -6.44 -24.89 11.57
C SER A 264 -7.30 -24.19 12.61
N CYS A 265 -8.58 -24.52 12.70
CA CYS A 265 -9.41 -23.81 13.64
C CYS A 265 -10.25 -24.65 14.58
N CYS A 266 -9.86 -24.80 15.84
CA CYS A 266 -10.63 -25.57 16.82
C CYS A 266 -11.52 -24.68 17.68
N THR A 267 -12.70 -25.19 18.02
CA THR A 267 -13.77 -24.34 18.58
C THR A 267 -13.88 -24.54 20.10
N LYS A 268 -13.03 -25.42 20.64
CA LYS A 268 -12.99 -25.65 22.05
C LYS A 268 -11.81 -24.94 22.60
N SER A 269 -12.06 -24.25 23.70
CA SER A 269 -11.10 -23.42 24.43
C SER A 269 -9.74 -24.06 24.74
N GLY A 270 -8.69 -23.43 24.29
CA GLY A 270 -7.39 -23.95 24.61
C GLY A 270 -6.83 -25.07 23.77
N CYS A 271 -7.65 -25.68 22.88
CA CYS A 271 -7.10 -26.46 21.72
C CYS A 271 -6.30 -25.50 20.90
N ASN A 272 -5.41 -25.98 20.07
CA ASN A 272 -4.51 -25.05 19.33
C ASN A 272 -3.23 -24.80 20.17
N HIS A 273 -3.16 -25.48 21.30
CA HIS A 273 -1.90 -25.75 21.92
C HIS A 273 -0.95 -26.31 20.88
N PRO A 274 0.34 -25.95 20.97
CA PRO A 274 1.41 -26.43 20.14
C PRO A 274 1.42 -27.92 19.88
N ASP A 275 1.24 -28.75 20.89
CA ASP A 275 1.42 -30.18 20.76
C ASP A 275 0.20 -30.85 20.26
N LEU A 276 -0.75 -30.05 19.79
CA LEU A 276 -1.94 -30.58 19.18
C LEU A 276 -1.88 -30.34 17.72
N ASP A 277 -0.80 -29.70 17.28
CA ASP A 277 -0.65 -29.31 15.89
C ASP A 277 -0.55 -30.47 14.94
N VAL A 278 -1.13 -30.32 13.75
CA VAL A 278 -0.61 -31.00 12.55
C VAL A 278 0.50 -30.09 11.94
N GLN A 279 1.29 -30.60 11.02
CA GLN A 279 2.46 -29.82 10.53
C GLN A 279 3.07 -30.25 9.17
N TYR A 280 4.24 -29.67 8.86
CA TYR A 280 4.92 -29.89 7.58
C TYR A 280 4.19 -29.21 6.40
N ASN B 10 14.20 4.87 4.98
CA ASN B 10 13.38 3.68 4.57
C ASN B 10 11.95 4.04 4.17
N CYS B 11 11.25 4.85 4.96
CA CYS B 11 9.94 5.31 4.54
C CYS B 11 10.22 6.50 3.68
N ASP B 12 9.85 6.40 2.42
CA ASP B 12 10.59 7.05 1.30
C ASP B 12 10.69 8.57 1.37
N CYS B 13 9.65 9.16 1.93
CA CYS B 13 9.20 10.51 1.60
C CYS B 13 10.09 11.60 2.04
N LEU B 14 9.69 12.83 1.77
CA LEU B 14 10.50 14.01 2.06
C LEU B 14 9.59 15.10 2.51
N ASN B 15 10.19 16.23 2.85
CA ASN B 15 9.44 17.36 3.37
C ASN B 15 8.59 16.94 4.54
N GLY B 16 7.28 17.13 4.45
CA GLY B 16 6.42 16.65 5.54
C GLY B 16 6.32 15.14 5.38
N GLY B 17 5.12 14.66 5.19
CA GLY B 17 4.97 13.42 4.44
C GLY B 17 5.44 12.18 5.15
N THR B 18 4.68 11.83 6.18
CA THR B 18 4.60 10.49 6.67
C THR B 18 4.20 9.55 5.53
N CYS B 19 4.77 8.36 5.49
CA CYS B 19 4.45 7.40 4.40
C CYS B 19 3.51 6.32 4.83
N VAL B 20 2.70 5.83 3.90
CA VAL B 20 1.57 4.93 4.26
C VAL B 20 1.49 3.71 3.35
N SER B 21 0.97 2.62 3.84
CA SER B 21 0.97 1.39 3.08
C SER B 21 -0.38 0.68 3.20
N ASN B 22 -0.49 -0.49 2.59
CA ASN B 22 -1.70 -1.27 2.76
C ASN B 22 -1.50 -2.76 2.62
N LYS B 23 -1.88 -3.48 3.66
CA LYS B 23 -1.66 -4.92 3.78
C LYS B 23 -2.34 -5.71 2.71
N TYR B 24 -3.42 -5.16 2.19
CA TYR B 24 -4.22 -5.88 1.24
C TYR B 24 -3.56 -5.87 -0.13
N PHE B 25 -3.05 -4.69 -0.48
CA PHE B 25 -2.49 -4.51 -1.80
C PHE B 25 -0.96 -4.60 -1.77
N SER B 26 -0.45 -5.83 -1.88
CA SER B 26 0.96 -6.14 -1.88
C SER B 26 1.84 -5.25 -1.02
N ASN B 27 1.27 -4.81 0.08
CA ASN B 27 1.89 -3.89 1.03
C ASN B 27 2.59 -2.70 0.40
N ILE B 28 1.94 -2.13 -0.60
CA ILE B 28 2.54 -1.07 -1.38
C ILE B 28 2.55 0.15 -0.52
N HIS B 29 3.57 0.98 -0.69
CA HIS B 29 3.80 2.16 0.18
C HIS B 29 3.70 3.42 -0.60
N TRP B 30 3.21 4.49 -0.02
CA TRP B 30 3.19 5.79 -0.65
C TRP B 30 3.05 6.91 0.35
N CYS B 31 3.11 8.15 -0.08
CA CYS B 31 3.29 9.24 0.87
C CYS B 31 2.05 10.05 1.03
N ASN B 32 1.80 10.45 2.25
CA ASN B 32 0.72 11.38 2.51
C ASN B 32 1.39 12.70 2.49
N CYS B 33 0.89 13.62 1.69
CA CYS B 33 1.68 14.82 1.43
C CYS B 33 1.12 16.11 1.99
N PRO B 34 2.03 17.02 2.35
CA PRO B 34 1.77 18.40 2.78
C PRO B 34 1.14 19.28 1.75
N LYS B 35 0.77 20.48 2.17
CA LYS B 35 -0.12 21.33 1.39
C LYS B 35 0.63 21.82 0.19
N LYS B 36 1.89 22.15 0.42
CA LYS B 36 2.72 22.84 -0.55
C LYS B 36 3.56 21.85 -1.35
N PHE B 37 3.32 20.56 -1.15
CA PHE B 37 4.09 19.54 -1.84
C PHE B 37 3.32 18.51 -2.62
N GLY B 38 4.00 17.89 -3.57
CA GLY B 38 3.39 16.94 -4.48
C GLY B 38 4.36 15.84 -4.79
N GLY B 39 3.96 14.91 -5.63
CA GLY B 39 4.90 13.91 -6.09
C GLY B 39 4.76 12.64 -5.32
N GLN B 40 5.24 11.56 -5.92
CA GLN B 40 5.22 10.26 -5.31
C GLN B 40 5.75 10.35 -3.88
N HIS B 41 6.93 10.98 -3.77
CA HIS B 41 7.71 11.13 -2.56
C HIS B 41 7.60 12.48 -1.91
N CYS B 42 6.57 13.22 -2.24
CA CYS B 42 6.43 14.56 -1.66
C CYS B 42 7.54 15.45 -2.13
N GLU B 43 8.17 15.08 -3.26
CA GLU B 43 9.34 15.77 -3.80
C GLU B 43 8.98 17.10 -4.48
N ILE B 44 8.10 17.11 -5.46
CA ILE B 44 7.69 18.32 -6.18
C ILE B 44 7.27 19.49 -5.29
N ASP B 45 7.83 20.67 -5.53
CA ASP B 45 7.47 21.81 -4.70
C ASP B 45 6.45 22.66 -5.43
N LYS B 46 5.20 22.53 -5.02
CA LYS B 46 4.10 23.15 -5.76
C LYS B 46 4.14 24.69 -5.75
N SER B 47 4.60 25.29 -4.67
CA SER B 47 4.55 26.75 -4.52
C SER B 47 5.64 27.53 -5.26
N LYS B 48 6.88 27.07 -5.08
CA LYS B 48 8.07 27.86 -5.41
C LYS B 48 8.15 28.27 -6.86
N THR B 49 8.31 29.56 -7.08
CA THR B 49 8.43 30.11 -8.42
C THR B 49 9.91 30.23 -8.83
N CYS B 50 10.63 31.17 -8.21
CA CYS B 50 12.05 31.50 -8.52
C CYS B 50 13.04 30.38 -8.19
N TYR B 51 14.23 30.41 -8.80
CA TYR B 51 15.26 29.48 -8.30
C TYR B 51 16.30 30.09 -7.35
N GLU B 52 17.05 29.21 -6.71
CA GLU B 52 17.63 29.49 -5.41
C GLU B 52 19.11 29.65 -5.52
N GLY B 53 19.67 29.60 -6.72
CA GLY B 53 21.12 29.67 -6.86
C GLY B 53 21.62 29.03 -8.13
N ASN B 54 22.46 28.02 -8.00
CA ASN B 54 22.81 27.11 -9.09
C ASN B 54 21.51 26.59 -9.72
N GLY B 55 20.48 26.46 -8.90
CA GLY B 55 19.18 25.96 -9.32
C GLY B 55 19.27 24.45 -9.27
N HIS B 56 20.20 23.94 -8.46
CA HIS B 56 20.47 22.52 -8.36
C HIS B 56 19.37 21.89 -7.55
N PHE B 57 18.99 22.60 -6.49
CA PHE B 57 18.00 22.11 -5.56
C PHE B 57 16.61 22.59 -5.94
N TYR B 58 16.47 23.11 -7.16
CA TYR B 58 15.17 23.42 -7.73
C TYR B 58 14.23 22.24 -7.79
N ARG B 59 13.00 22.46 -7.33
CA ARG B 59 11.99 21.42 -7.29
C ARG B 59 10.69 21.79 -7.98
N GLY B 60 10.24 23.03 -7.77
CA GLY B 60 8.99 23.55 -8.35
C GLY B 60 8.73 23.21 -9.81
N LYS B 61 7.53 23.52 -10.27
CA LYS B 61 7.03 22.82 -11.46
C LYS B 61 6.98 23.72 -12.68
N ALA B 62 8.02 23.65 -13.51
CA ALA B 62 8.15 24.57 -14.62
C ALA B 62 8.50 23.81 -15.90
N SER B 63 7.69 24.04 -16.93
CA SER B 63 7.42 23.03 -17.95
C SER B 63 8.08 23.41 -19.25
N THR B 64 7.86 24.66 -19.64
CA THR B 64 8.34 25.30 -20.83
C THR B 64 9.85 25.66 -20.75
N ASP B 65 10.40 26.36 -21.75
CA ASP B 65 11.75 26.92 -21.71
C ASP B 65 11.82 28.24 -22.43
N THR B 66 13.04 28.76 -22.61
CA THR B 66 13.27 30.13 -23.11
C THR B 66 12.63 30.46 -24.47
N MET B 67 12.48 29.45 -25.32
CA MET B 67 11.84 29.67 -26.59
C MET B 67 10.35 29.37 -26.53
N GLY B 68 9.87 28.88 -25.39
CA GLY B 68 8.47 28.64 -25.24
C GLY B 68 8.16 27.17 -25.45
N ARG B 69 9.15 26.39 -25.82
CA ARG B 69 8.90 24.97 -26.09
C ARG B 69 8.83 24.07 -24.83
N PRO B 70 8.10 22.95 -24.89
CA PRO B 70 7.90 22.15 -23.72
C PRO B 70 9.08 21.22 -23.43
N CYS B 71 9.39 20.98 -22.16
CA CYS B 71 10.32 19.93 -21.79
C CYS B 71 9.74 18.56 -22.02
N LEU B 72 10.59 17.64 -22.45
CA LEU B 72 10.18 16.23 -22.47
C LEU B 72 10.16 15.67 -21.06
N PRO B 73 9.31 14.69 -20.79
CA PRO B 73 9.27 14.11 -19.46
C PRO B 73 10.53 13.30 -19.18
N TRP B 74 11.05 13.38 -17.97
CA TRP B 74 12.27 12.66 -17.65
C TRP B 74 12.04 11.17 -17.64
N ASN B 75 10.79 10.75 -17.70
CA ASN B 75 10.51 9.35 -17.81
C ASN B 75 10.20 8.97 -19.25
N SER B 76 10.23 9.93 -20.17
CA SER B 76 9.82 9.64 -21.57
C SER B 76 10.79 8.69 -22.20
N ALA B 77 10.36 7.91 -23.17
CA ALA B 77 11.24 6.91 -23.85
C ALA B 77 12.57 7.49 -24.34
N THR B 78 12.48 8.65 -24.99
CA THR B 78 13.68 9.32 -25.44
C THR B 78 14.59 9.83 -24.32
N VAL B 79 14.07 10.51 -23.33
CA VAL B 79 14.92 11.04 -22.29
C VAL B 79 15.56 9.91 -21.49
N LEU B 80 15.17 8.68 -21.82
CA LEU B 80 15.77 7.55 -21.13
C LEU B 80 17.06 7.15 -21.81
N GLN B 81 17.21 7.54 -23.06
CA GLN B 81 18.49 7.43 -23.73
C GLN B 81 19.49 8.35 -23.13
N GLN B 82 19.06 9.53 -22.70
CA GLN B 82 20.01 10.53 -22.33
C GLN B 82 20.64 10.27 -20.99
N THR B 83 21.54 11.14 -20.58
CA THR B 83 22.32 10.89 -19.38
C THR B 83 21.47 11.09 -18.14
N TYR B 84 20.55 12.04 -18.19
CA TYR B 84 19.67 12.32 -17.03
C TYR B 84 18.17 11.94 -17.22
N HIS B 85 17.76 10.88 -16.54
CA HIS B 85 16.44 10.36 -16.70
C HIS B 85 15.90 9.89 -15.36
N ALA B 86 14.62 9.51 -15.33
CA ALA B 86 13.96 9.15 -14.10
C ALA B 86 14.14 7.67 -13.69
N HIS B 87 14.90 6.90 -14.48
CA HIS B 87 15.22 5.50 -14.12
C HIS B 87 16.53 5.32 -13.38
N ARG B 88 17.23 6.40 -13.07
CA ARG B 88 18.58 6.22 -12.52
C ARG B 88 18.55 6.26 -11.01
N SER B 89 19.48 5.53 -10.37
CA SER B 89 19.54 5.39 -8.91
C SER B 89 19.33 6.68 -8.14
N ASP B 90 19.96 7.76 -8.59
CA ASP B 90 19.85 9.04 -7.89
C ASP B 90 18.71 9.94 -8.36
N ALA B 91 17.84 9.40 -9.20
CA ALA B 91 16.75 10.18 -9.73
C ALA B 91 15.96 10.91 -8.66
N LEU B 92 15.71 10.25 -7.52
CA LEU B 92 14.91 10.92 -6.49
C LEU B 92 15.68 12.09 -5.98
N GLN B 93 16.92 11.79 -5.65
CA GLN B 93 17.81 12.75 -5.04
C GLN B 93 17.88 13.94 -5.98
N LEU B 94 18.07 13.64 -7.26
CA LEU B 94 18.30 14.64 -8.29
C LEU B 94 17.13 15.59 -8.51
N GLY B 95 15.91 15.10 -8.29
CA GLY B 95 14.72 15.89 -8.55
C GLY B 95 14.10 15.47 -9.86
N LEU B 96 14.54 14.33 -10.38
CA LEU B 96 14.02 13.81 -11.66
C LEU B 96 12.89 12.81 -11.46
N GLY B 97 11.68 13.26 -11.76
CA GLY B 97 10.55 12.39 -11.55
C GLY B 97 9.95 11.99 -12.86
N LYS B 98 8.68 11.62 -12.81
CA LYS B 98 7.87 11.41 -13.97
C LYS B 98 7.16 12.72 -14.22
N HIS B 99 7.81 13.60 -14.96
CA HIS B 99 7.28 14.92 -15.25
C HIS B 99 8.19 15.60 -16.21
N ASN B 100 7.80 16.77 -16.71
CA ASN B 100 8.73 17.59 -17.40
C ASN B 100 8.92 18.89 -16.59
N TYR B 101 9.89 18.92 -15.70
CA TYR B 101 10.15 20.12 -14.95
C TYR B 101 11.60 20.48 -15.12
N CYS B 102 11.86 21.77 -15.25
CA CYS B 102 13.20 22.27 -15.33
C CYS B 102 13.96 21.76 -14.13
N ARG B 103 15.13 21.19 -14.40
CA ARG B 103 15.96 20.63 -13.35
C ARG B 103 17.41 20.85 -13.67
N ASN B 104 18.23 21.00 -12.62
CA ASN B 104 19.66 21.19 -12.85
C ASN B 104 20.50 20.19 -12.09
N PRO B 105 20.43 18.93 -12.50
CA PRO B 105 21.10 17.80 -11.84
C PRO B 105 22.64 17.79 -12.00
N ASP B 106 23.13 18.33 -13.12
CA ASP B 106 24.55 18.25 -13.45
C ASP B 106 25.31 19.49 -12.99
N ASN B 107 24.60 20.40 -12.31
CA ASN B 107 25.15 21.69 -11.88
C ASN B 107 25.61 22.52 -13.07
N ARG B 108 24.74 22.71 -14.05
CA ARG B 108 24.98 23.67 -15.11
C ARG B 108 24.65 25.09 -14.55
N ARG B 109 24.59 26.12 -15.38
CA ARG B 109 24.44 27.49 -14.86
C ARG B 109 23.10 27.68 -14.16
N ARG B 110 22.01 27.49 -14.91
CA ARG B 110 20.67 27.63 -14.36
C ARG B 110 19.93 26.33 -14.74
N PRO B 111 18.69 26.12 -14.23
CA PRO B 111 18.04 24.86 -14.63
C PRO B 111 17.58 24.77 -16.08
N TRP B 112 17.61 23.54 -16.58
CA TRP B 112 17.36 23.20 -17.98
C TRP B 112 16.43 22.03 -18.11
N CYS B 113 16.28 21.51 -19.32
CA CYS B 113 15.59 20.23 -19.55
C CYS B 113 15.76 19.83 -20.99
N TYR B 114 15.50 18.57 -21.30
CA TYR B 114 15.60 18.12 -22.68
C TYR B 114 14.35 18.54 -23.41
N VAL B 115 14.53 19.04 -24.63
CA VAL B 115 13.45 19.60 -25.41
C VAL B 115 13.54 19.06 -26.80
N GLN B 116 12.43 18.58 -27.32
CA GLN B 116 12.49 17.94 -28.62
C GLN B 116 12.63 19.00 -29.66
N VAL B 117 13.78 19.07 -30.33
CA VAL B 117 13.92 19.98 -31.48
C VAL B 117 14.23 19.17 -32.74
N GLY B 118 13.37 19.33 -33.74
CA GLY B 118 13.45 18.51 -34.91
C GLY B 118 13.49 17.08 -34.43
N LEU B 119 14.53 16.36 -34.79
CA LEU B 119 14.56 14.90 -34.60
C LEU B 119 15.33 14.45 -33.38
N LYS B 120 15.87 15.39 -32.60
CA LYS B 120 16.66 14.99 -31.44
C LYS B 120 16.32 15.74 -30.15
N PRO B 121 16.38 15.04 -29.01
CA PRO B 121 16.29 15.69 -27.70
C PRO B 121 17.48 16.59 -27.53
N LEU B 122 17.29 17.72 -26.87
CA LEU B 122 18.35 18.72 -26.76
C LEU B 122 18.24 19.44 -25.48
N VAL B 123 19.36 19.73 -24.84
CA VAL B 123 19.25 20.54 -23.65
C VAL B 123 18.77 21.92 -24.02
N GLN B 124 18.01 22.56 -23.14
CA GLN B 124 17.62 23.93 -23.36
C GLN B 124 17.56 24.60 -22.02
N GLU B 125 18.18 25.76 -21.91
CA GLU B 125 18.14 26.50 -20.64
C GLU B 125 16.65 26.78 -20.53
N CYS B 126 16.14 26.72 -19.31
CA CYS B 126 14.73 26.80 -19.09
C CYS B 126 14.25 28.20 -18.80
N MET B 127 12.96 28.33 -18.52
CA MET B 127 12.34 29.57 -18.13
C MET B 127 12.77 29.87 -16.71
N VAL B 128 11.88 30.40 -15.90
CA VAL B 128 12.07 30.59 -14.44
C VAL B 128 13.24 31.43 -13.98
N HIS B 129 13.01 32.73 -13.91
CA HIS B 129 13.97 33.64 -13.29
C HIS B 129 14.18 33.29 -11.84
N ASP B 130 15.37 33.58 -11.30
CA ASP B 130 15.67 33.37 -9.88
C ASP B 130 15.24 34.57 -9.05
N CYS B 131 15.61 34.56 -7.77
CA CYS B 131 15.24 35.70 -6.95
C CYS B 131 16.37 36.72 -7.09
N ALA B 132 15.95 37.86 -7.64
CA ALA B 132 16.78 38.93 -8.18
C ALA B 132 15.77 39.66 -9.07
C1 NAG C . -8.73 -10.63 -12.98
C2 NAG C . -8.53 -12.07 -13.29
C3 NAG C . -7.90 -12.17 -14.58
C4 NAG C . -8.79 -11.67 -15.63
C5 NAG C . -9.38 -10.30 -15.37
C6 NAG C . -10.69 -10.15 -16.04
C7 NAG C . -8.65 -13.17 -10.99
C8 NAG C . -8.10 -13.79 -9.73
N2 NAG C . -7.78 -12.71 -12.13
O3 NAG C . -7.57 -13.59 -14.80
O4 NAG C . -8.19 -11.72 -16.96
O5 NAG C . -9.61 -10.05 -13.96
O6 NAG C . -11.23 -8.89 -16.13
O7 NAG C . -9.88 -12.98 -11.11
C1 NAG C . -9.07 -12.72 -17.84
C2 NAG C . -9.16 -11.77 -18.99
C3 NAG C . -9.69 -12.44 -20.14
C4 NAG C . -9.00 -13.66 -20.54
C5 NAG C . -8.66 -14.55 -19.37
C6 NAG C . -7.71 -15.61 -19.78
C7 NAG C . -9.37 -9.27 -18.42
C8 NAG C . -10.17 -8.05 -18.08
N2 NAG C . -10.03 -10.59 -18.63
O3 NAG C . -9.72 -11.48 -21.28
O4 NAG C . -9.80 -14.44 -21.45
O5 NAG C . -8.24 -13.85 -18.16
O6 NAG C . -7.56 -16.66 -18.88
O7 NAG C . -8.12 -9.19 -18.52
C1 MAN C . -9.93 -13.54 -22.68
C2 MAN C . -10.65 -12.33 -23.26
C3 MAN C . -12.10 -12.48 -23.42
C4 MAN C . -12.54 -13.78 -23.94
C5 MAN C . -11.74 -14.98 -23.50
C6 MAN C . -12.02 -16.20 -24.40
O2 MAN C . -10.04 -12.05 -24.46
O3 MAN C . -12.60 -11.34 -24.22
O4 MAN C . -13.91 -13.97 -23.62
O5 MAN C . -10.30 -14.78 -23.33
O6 MAN C . -11.53 -17.40 -24.02
C1 NAG D . 0.61 -9.14 25.60
C2 NAG D . 2.10 -8.97 25.55
C3 NAG D . 2.59 -7.97 26.52
C4 NAG D . 1.97 -6.67 26.34
C5 NAG D . 0.54 -6.66 25.90
C6 NAG D . 0.29 -5.33 25.30
C7 NAG D . 3.53 -10.51 23.98
C8 NAG D . 4.41 -11.69 23.73
N2 NAG D . 2.96 -10.22 25.38
O3 NAG D . 4.03 -7.58 26.42
O4 NAG D . 2.00 -5.95 27.59
O5 NAG D . 0.12 -7.83 25.15
O6 NAG D . -1.05 -4.99 25.24
O7 NAG D . 3.23 -9.79 22.98
C1 NAG D . 2.61 -4.71 27.78
C2 NAG D . 2.30 -3.50 28.61
C3 NAG D . 3.20 -2.40 28.40
C4 NAG D . 4.60 -2.78 28.18
C5 NAG D . 4.76 -3.89 27.15
C6 NAG D . 6.15 -4.26 26.80
C7 NAG D . -0.30 -3.72 28.84
C8 NAG D . -1.65 -3.22 28.44
N2 NAG D . 0.92 -3.03 28.25
O3 NAG D . 3.07 -1.57 29.61
O4 NAG D . 5.32 -1.61 27.79
O5 NAG D . 4.01 -5.02 27.60
O6 NAG D . 6.62 -5.52 27.10
O7 NAG D . -0.13 -4.66 29.67
C1 NAG E . 13.56 -16.97 13.24
C2 NAG E . 14.81 -17.41 12.47
C3 NAG E . 15.85 -16.29 12.53
C4 NAG E . 15.23 -15.01 11.95
C5 NAG E . 13.96 -14.66 12.74
C6 NAG E . 13.31 -13.42 12.14
C7 NAG E . 14.89 -19.83 12.74
C8 NAG E . 15.45 -21.08 13.36
N2 NAG E . 15.36 -18.62 13.08
O3 NAG E . 16.99 -16.66 11.76
O4 NAG E . 16.16 -13.94 12.07
O5 NAG E . 13.05 -15.77 12.67
O6 NAG E . 12.19 -13.04 12.94
O7 NAG E . 14.00 -19.92 11.92
C1 NAG E . 17.35 -13.72 11.57
C2 NAG E . 17.18 -12.20 11.43
C3 NAG E . 18.34 -11.65 10.58
C4 NAG E . 19.67 -12.03 11.24
C5 NAG E . 19.74 -13.55 11.40
C6 NAG E . 21.04 -13.94 12.12
C7 NAG E . 14.78 -11.83 11.49
C8 NAG E . 13.47 -11.52 10.81
N2 NAG E . 15.91 -11.91 10.77
O3 NAG E . 18.24 -10.23 10.49
O4 NAG E . 20.75 -11.59 10.43
O5 NAG E . 18.62 -14.00 12.17
O6 NAG E . 21.15 -15.37 12.16
O7 NAG E . 14.81 -12.00 12.68
#